data_4LD2
#
_entry.id   4LD2
#
_cell.length_a   38.210
_cell.length_b   74.550
_cell.length_c   110.110
_cell.angle_alpha   90.000
_cell.angle_beta   90.000
_cell.angle_gamma   90.000
#
_symmetry.space_group_name_H-M   'P 21 21 21'
#
loop_
_entity.id
_entity.type
_entity.pdbx_description
1 polymer 'Cytidine and deoxycytidylate deaminase zinc-binding region'
2 non-polymer 'ZINC ION'
3 non-polymer 4-AMINO-1-BETA-D-RIBOFURANOSYL-2(1H)-PYRIMIDINONE
4 non-polymer 1,2-ETHANEDIOL
5 water water
#
_entity_poly.entity_id   1
_entity_poly.type   'polypeptide(L)'
_entity_poly.pdbx_seq_one_letter_code
;GHMNDALHIGLPPFLVQANNEPRVLAAPEARMGYVLELVRANIAADGGPFAAAVFERDSGLLIAAGTNRVVPGRCSAAHA
EILALSLAQAKLDTHDLSADGLPACELVTSAEPCVMCFGAVIWSGVRSLVCAARSDDVEAIGFDEGPRPENWMGGLEARG
ITVTTGLLRDAACALLREYNACNGVIYNARCGVHKGS
;
_entity_poly.pdbx_strand_id   A,B
#
loop_
_chem_comp.id
_chem_comp.type
_chem_comp.name
_chem_comp.formula
CTN non-polymer 4-AMINO-1-BETA-D-RIBOFURANOSYL-2(1H)-PYRIMIDINONE 'C9 H13 N3 O5'
EDO non-polymer 1,2-ETHANEDIOL 'C2 H6 O2'
ZN non-polymer 'ZINC ION' 'Zn 2'
#
# COMPACT_ATOMS: atom_id res chain seq x y z
N ASN A 4 8.95 -0.27 16.40
CA ASN A 4 9.94 -0.88 15.47
C ASN A 4 9.81 -2.39 15.41
N ASP A 5 8.87 -2.92 16.20
CA ASP A 5 8.65 -4.36 16.25
C ASP A 5 7.40 -4.77 15.47
N ALA A 6 6.83 -3.83 14.73
CA ALA A 6 5.65 -4.09 13.93
C ALA A 6 5.30 -2.84 13.12
N LEU A 7 4.39 -2.98 12.16
CA LEU A 7 3.97 -1.84 11.36
C LEU A 7 2.75 -1.27 12.07
N HIS A 8 2.88 -0.07 12.59
CA HIS A 8 1.80 0.56 13.34
C HIS A 8 1.48 1.96 12.85
N ILE A 9 0.31 2.11 12.23
CA ILE A 9 -0.12 3.41 11.74
C ILE A 9 -1.27 3.85 12.64
N GLY A 10 -0.99 4.84 13.48
CA GLY A 10 -2.00 5.34 14.39
C GLY A 10 -3.12 6.06 13.67
N LEU A 11 -4.31 6.01 14.23
CA LEU A 11 -5.46 6.66 13.63
C LEU A 11 -5.84 7.86 14.48
N PRO A 12 -6.08 9.02 13.86
CA PRO A 12 -6.47 10.22 14.62
C PRO A 12 -7.85 10.00 15.23
N PRO A 13 -8.17 10.71 16.31
CA PRO A 13 -9.46 10.56 16.98
C PRO A 13 -10.71 10.53 16.09
N PHE A 14 -10.84 11.49 15.17
CA PHE A 14 -12.02 11.51 14.31
C PHE A 14 -12.16 10.22 13.50
N LEU A 15 -11.03 9.61 13.16
CA LEU A 15 -11.08 8.37 12.38
C LEU A 15 -11.45 7.19 13.27
N VAL A 16 -11.05 7.24 14.54
CA VAL A 16 -11.40 6.18 15.47
C VAL A 16 -12.91 6.30 15.68
N GLN A 17 -13.38 7.54 15.81
CA GLN A 17 -14.80 7.82 15.99
C GLN A 17 -15.57 7.20 14.83
N ALA A 18 -15.11 7.47 13.61
CA ALA A 18 -15.76 6.96 12.41
C ALA A 18 -15.84 5.44 12.40
N ASN A 19 -14.74 4.79 12.80
CA ASN A 19 -14.68 3.33 12.82
C ASN A 19 -15.39 2.68 14.00
N ASN A 20 -15.70 3.47 15.03
CA ASN A 20 -16.35 2.90 16.21
C ASN A 20 -17.87 3.02 16.27
N GLU A 21 -18.43 4.00 15.58
CA GLU A 21 -19.87 4.21 15.61
C GLU A 21 -20.63 3.55 14.46
N PRO A 22 -21.61 2.69 14.79
CA PRO A 22 -22.40 2.03 13.74
C PRO A 22 -23.02 3.07 12.82
N ARG A 23 -22.94 2.83 11.53
CA ARG A 23 -23.46 3.77 10.55
C ARG A 23 -23.91 3.02 9.31
N VAL A 24 -25.10 3.37 8.84
CA VAL A 24 -25.67 2.75 7.65
C VAL A 24 -26.07 3.86 6.68
N LEU A 25 -25.52 3.80 5.46
CA LEU A 25 -25.81 4.78 4.43
C LEU A 25 -26.16 4.03 3.15
N ALA A 26 -27.45 3.96 2.84
CA ALA A 26 -27.92 3.23 1.68
C ALA A 26 -27.59 3.84 0.31
N ALA A 27 -27.87 5.13 0.15
CA ALA A 27 -27.63 5.79 -1.13
C ALA A 27 -26.17 6.10 -1.42
N PRO A 28 -25.75 5.97 -2.69
CA PRO A 28 -24.37 6.24 -3.10
C PRO A 28 -23.93 7.64 -2.67
N GLU A 29 -24.81 8.62 -2.88
CA GLU A 29 -24.50 9.99 -2.51
C GLU A 29 -24.30 10.13 -1.00
N ALA A 30 -25.03 9.34 -0.23
CA ALA A 30 -24.91 9.40 1.22
C ALA A 30 -23.55 8.83 1.63
N ARG A 31 -23.15 7.74 1.00
CA ARG A 31 -21.87 7.12 1.30
C ARG A 31 -20.72 8.07 0.94
N MET A 32 -20.79 8.67 -0.25
CA MET A 32 -19.74 9.59 -0.66
C MET A 32 -19.77 10.87 0.17
N GLY A 33 -20.98 11.30 0.53
CA GLY A 33 -21.09 12.51 1.33
C GLY A 33 -20.30 12.34 2.61
N TYR A 34 -20.44 11.17 3.24
CA TYR A 34 -19.74 10.87 4.47
C TYR A 34 -18.24 10.80 4.24
N VAL A 35 -17.83 10.15 3.16
CA VAL A 35 -16.42 10.04 2.85
C VAL A 35 -15.81 11.43 2.66
N LEU A 36 -16.55 12.33 2.03
CA LEU A 36 -16.03 13.68 1.84
C LEU A 36 -15.95 14.44 3.17
N GLU A 37 -16.82 14.09 4.12
CA GLU A 37 -16.76 14.72 5.45
C GLU A 37 -15.44 14.30 6.08
N LEU A 38 -15.03 13.07 5.83
CA LEU A 38 -13.78 12.56 6.40
C LEU A 38 -12.58 13.25 5.76
N VAL A 39 -12.72 13.65 4.50
CA VAL A 39 -11.63 14.36 3.83
C VAL A 39 -11.35 15.66 4.57
N ARG A 40 -12.41 16.44 4.79
CA ARG A 40 -12.28 17.71 5.48
C ARG A 40 -11.72 17.53 6.89
N ALA A 41 -12.22 16.51 7.58
CA ALA A 41 -11.75 16.24 8.95
C ALA A 41 -10.29 15.83 8.95
N ASN A 42 -9.87 15.08 7.94
CA ASN A 42 -8.49 14.63 7.87
C ASN A 42 -7.51 15.78 7.62
N ILE A 43 -7.93 16.73 6.78
CA ILE A 43 -7.09 17.88 6.48
C ILE A 43 -6.86 18.65 7.77
N ALA A 44 -7.92 18.78 8.57
CA ALA A 44 -7.83 19.50 9.85
C ALA A 44 -6.94 18.74 10.83
N ALA A 45 -6.84 17.43 10.62
CA ALA A 45 -6.02 16.57 11.47
C ALA A 45 -4.64 16.31 10.88
N ASP A 46 -4.14 17.29 10.14
CA ASP A 46 -2.80 17.23 9.53
C ASP A 46 -2.56 16.09 8.55
N GLY A 47 -3.61 15.67 7.85
CA GLY A 47 -3.47 14.59 6.88
C GLY A 47 -3.73 15.05 5.46
N GLY A 48 -3.57 14.13 4.51
CA GLY A 48 -3.80 14.44 3.11
C GLY A 48 -5.28 14.60 2.79
N PRO A 49 -5.62 15.29 1.69
CA PRO A 49 -7.01 15.51 1.27
C PRO A 49 -7.67 14.31 0.62
N PHE A 50 -7.55 13.15 1.25
CA PHE A 50 -8.13 11.93 0.71
C PHE A 50 -8.73 11.06 1.80
N ALA A 51 -9.87 10.46 1.50
CA ALA A 51 -10.54 9.58 2.43
C ALA A 51 -11.25 8.49 1.64
N ALA A 52 -11.54 7.38 2.31
CA ALA A 52 -12.21 6.25 1.67
C ALA A 52 -12.88 5.42 2.76
N ALA A 53 -13.85 4.61 2.36
CA ALA A 53 -14.53 3.76 3.33
C ALA A 53 -15.06 2.50 2.67
N VAL A 54 -15.01 1.40 3.41
CA VAL A 54 -15.53 0.13 2.91
C VAL A 54 -16.91 -0.05 3.52
N PHE A 55 -17.88 -0.30 2.67
CA PHE A 55 -19.28 -0.49 3.06
C PHE A 55 -19.75 -1.86 2.56
N GLU A 56 -20.77 -2.41 3.19
CA GLU A 56 -21.35 -3.64 2.70
C GLU A 56 -22.14 -3.10 1.50
N ARG A 57 -21.93 -3.70 0.33
CA ARG A 57 -22.60 -3.21 -0.88
C ARG A 57 -24.13 -3.26 -0.83
N ASP A 58 -24.70 -4.35 -0.32
CA ASP A 58 -26.15 -4.51 -0.28
C ASP A 58 -26.92 -3.93 0.90
N SER A 59 -26.24 -3.48 1.95
CA SER A 59 -26.96 -2.94 3.11
C SER A 59 -26.59 -1.51 3.44
N GLY A 60 -25.40 -1.08 3.01
CA GLY A 60 -24.97 0.28 3.30
C GLY A 60 -24.25 0.38 4.64
N LEU A 61 -24.05 -0.75 5.30
CA LEU A 61 -23.36 -0.75 6.59
C LEU A 61 -21.90 -0.37 6.43
N LEU A 62 -21.45 0.60 7.21
CA LEU A 62 -20.05 1.01 7.16
C LEU A 62 -19.22 -0.05 7.88
N ILE A 63 -18.16 -0.52 7.24
CA ILE A 63 -17.30 -1.51 7.86
C ILE A 63 -16.07 -0.83 8.44
N ALA A 64 -15.41 0.00 7.63
CA ALA A 64 -14.23 0.71 8.09
C ALA A 64 -13.92 1.89 7.18
N ALA A 65 -13.32 2.92 7.74
CA ALA A 65 -12.95 4.09 6.99
C ALA A 65 -11.47 4.35 7.14
N GLY A 66 -10.88 5.00 6.15
CA GLY A 66 -9.47 5.33 6.19
C GLY A 66 -9.22 6.67 5.55
N THR A 67 -8.10 7.29 5.88
CA THR A 67 -7.75 8.58 5.31
C THR A 67 -6.26 8.58 5.04
N ASN A 68 -5.79 9.57 4.29
CA ASN A 68 -4.37 9.66 3.98
C ASN A 68 -3.63 10.13 5.23
N ARG A 69 -2.74 9.29 5.75
CA ARG A 69 -1.96 9.59 6.93
C ARG A 69 -0.48 9.46 6.63
N VAL A 70 -0.11 9.68 5.37
CA VAL A 70 1.28 9.56 4.94
C VAL A 70 2.28 10.38 5.75
N VAL A 71 2.04 11.69 5.86
CA VAL A 71 2.96 12.53 6.60
C VAL A 71 2.92 12.33 8.11
N PRO A 72 1.74 12.46 8.74
CA PRO A 72 1.71 12.26 10.19
C PRO A 72 2.11 10.85 10.61
N GLY A 73 1.85 9.87 9.75
CA GLY A 73 2.18 8.49 10.08
C GLY A 73 3.54 8.02 9.61
N ARG A 74 4.30 8.91 8.98
CA ARG A 74 5.64 8.57 8.47
C ARG A 74 5.56 7.27 7.67
N CYS A 75 4.61 7.22 6.75
CA CYS A 75 4.41 6.01 5.96
C CYS A 75 3.82 6.34 4.58
N SER A 76 4.61 6.20 3.53
CA SER A 76 4.13 6.52 2.19
C SER A 76 3.01 5.60 1.69
N ALA A 77 2.88 4.43 2.30
CA ALA A 77 1.83 3.49 1.90
C ALA A 77 0.51 3.78 2.60
N ALA A 78 0.52 4.73 3.54
CA ALA A 78 -0.69 5.06 4.30
C ALA A 78 -1.73 5.89 3.55
N HIS A 79 -2.12 5.44 2.37
CA HIS A 79 -3.14 6.15 1.61
C HIS A 79 -4.50 5.76 2.16
N ALA A 80 -5.49 6.61 1.90
CA ALA A 80 -6.84 6.35 2.39
C ALA A 80 -7.35 4.96 2.05
N GLU A 81 -7.15 4.53 0.82
CA GLU A 81 -7.62 3.22 0.38
C GLU A 81 -6.96 2.07 1.14
N ILE A 82 -5.65 2.18 1.32
CA ILE A 82 -4.91 1.14 2.03
C ILE A 82 -5.43 1.00 3.46
N LEU A 83 -5.63 2.13 4.13
CA LEU A 83 -6.12 2.08 5.49
C LEU A 83 -7.55 1.55 5.58
N ALA A 84 -8.44 2.03 4.72
CA ALA A 84 -9.81 1.58 4.73
C ALA A 84 -9.90 0.07 4.49
N LEU A 85 -9.25 -0.40 3.44
CA LEU A 85 -9.28 -1.82 3.11
C LEU A 85 -8.65 -2.67 4.21
N SER A 86 -7.50 -2.25 4.72
CA SER A 86 -6.81 -3.00 5.75
C SER A 86 -7.58 -3.03 7.07
N LEU A 87 -8.20 -1.91 7.44
CA LEU A 87 -8.96 -1.86 8.68
C LEU A 87 -10.22 -2.72 8.56
N ALA A 88 -10.80 -2.77 7.36
CA ALA A 88 -12.00 -3.58 7.15
C ALA A 88 -11.63 -5.06 7.28
N GLN A 89 -10.48 -5.41 6.71
CA GLN A 89 -10.02 -6.80 6.76
C GLN A 89 -9.69 -7.23 8.18
N ALA A 90 -9.13 -6.32 8.97
CA ALA A 90 -8.79 -6.65 10.35
C ALA A 90 -10.07 -6.85 11.15
N LYS A 91 -11.06 -6.02 10.88
CA LYS A 91 -12.34 -6.11 11.58
C LYS A 91 -13.09 -7.40 11.26
N LEU A 92 -13.07 -7.78 9.98
CA LEU A 92 -13.75 -8.99 9.55
C LEU A 92 -12.88 -10.24 9.70
N ASP A 93 -11.66 -10.03 10.19
CA ASP A 93 -10.71 -11.11 10.44
C ASP A 93 -10.37 -11.98 9.22
N THR A 94 -10.05 -11.32 8.12
CA THR A 94 -9.67 -12.02 6.89
C THR A 94 -8.98 -11.06 5.94
N HIS A 95 -8.06 -11.58 5.13
CA HIS A 95 -7.33 -10.78 4.16
C HIS A 95 -8.14 -10.66 2.87
N ASP A 96 -9.19 -11.48 2.76
CA ASP A 96 -10.02 -11.49 1.55
C ASP A 96 -11.44 -11.06 1.86
N LEU A 97 -11.81 -9.86 1.41
CA LEU A 97 -13.15 -9.34 1.65
C LEU A 97 -14.23 -10.06 0.86
N SER A 98 -13.83 -11.04 0.06
CA SER A 98 -14.80 -11.81 -0.72
C SER A 98 -14.80 -13.26 -0.23
N ALA A 99 -14.25 -13.46 0.96
CA ALA A 99 -14.18 -14.80 1.55
C ALA A 99 -15.60 -15.31 1.81
N ASP A 100 -15.74 -16.64 1.87
CA ASP A 100 -17.04 -17.26 2.10
C ASP A 100 -17.74 -16.74 3.36
N GLY A 101 -19.02 -16.45 3.23
CA GLY A 101 -19.79 -15.96 4.36
C GLY A 101 -19.80 -14.46 4.52
N LEU A 102 -18.80 -13.80 3.95
CA LEU A 102 -18.70 -12.34 4.04
C LEU A 102 -19.61 -11.64 3.04
N PRO A 103 -20.13 -10.47 3.41
CA PRO A 103 -21.01 -9.75 2.49
C PRO A 103 -20.15 -9.08 1.40
N ALA A 104 -20.74 -8.84 0.24
CA ALA A 104 -20.01 -8.18 -0.84
C ALA A 104 -19.64 -6.80 -0.32
N CYS A 105 -18.38 -6.41 -0.51
CA CYS A 105 -17.92 -5.11 -0.04
C CYS A 105 -17.67 -4.11 -1.17
N GLU A 106 -17.81 -2.84 -0.85
CA GLU A 106 -17.62 -1.76 -1.80
C GLU A 106 -16.69 -0.72 -1.18
N LEU A 107 -15.73 -0.23 -1.98
CA LEU A 107 -14.83 0.81 -1.51
C LEU A 107 -15.28 2.12 -2.13
N VAL A 108 -15.61 3.09 -1.29
CA VAL A 108 -16.05 4.42 -1.72
C VAL A 108 -14.87 5.33 -1.42
N THR A 109 -14.33 5.96 -2.47
CA THR A 109 -13.16 6.80 -2.30
C THR A 109 -13.35 8.23 -2.83
N SER A 110 -12.69 9.19 -2.18
CA SER A 110 -12.81 10.59 -2.55
C SER A 110 -12.19 10.96 -3.90
N ALA A 111 -11.32 10.09 -4.41
CA ALA A 111 -10.68 10.32 -5.70
C ALA A 111 -10.27 9.01 -6.31
N GLU A 112 -10.14 8.97 -7.64
CA GLU A 112 -9.72 7.74 -8.30
C GLU A 112 -8.36 7.36 -7.71
N PRO A 113 -8.16 6.06 -7.43
CA PRO A 113 -6.92 5.54 -6.84
C PRO A 113 -5.64 5.69 -7.63
N CYS A 114 -4.53 5.85 -6.92
CA CYS A 114 -3.22 5.95 -7.54
C CYS A 114 -2.88 4.52 -7.93
N VAL A 115 -1.75 4.33 -8.61
CA VAL A 115 -1.40 2.97 -9.03
C VAL A 115 -1.24 1.97 -7.89
N MET A 116 -0.70 2.40 -6.76
CA MET A 116 -0.53 1.51 -5.61
C MET A 116 -1.89 1.06 -5.07
N CYS A 117 -2.81 1.99 -4.89
CA CYS A 117 -4.13 1.65 -4.36
C CYS A 117 -4.98 0.90 -5.37
N PHE A 118 -4.69 1.12 -6.65
CA PHE A 118 -5.38 0.42 -7.73
C PHE A 118 -5.06 -1.07 -7.52
N GLY A 119 -3.79 -1.38 -7.28
CA GLY A 119 -3.41 -2.76 -7.05
C GLY A 119 -4.01 -3.27 -5.75
N ALA A 120 -4.01 -2.43 -4.72
CA ALA A 120 -4.57 -2.82 -3.43
C ALA A 120 -6.05 -3.20 -3.56
N VAL A 121 -6.76 -2.46 -4.40
CA VAL A 121 -8.19 -2.73 -4.62
C VAL A 121 -8.38 -4.12 -5.21
N ILE A 122 -7.55 -4.47 -6.19
CA ILE A 122 -7.65 -5.77 -6.83
C ILE A 122 -7.43 -6.93 -5.87
N TRP A 123 -6.43 -6.79 -4.99
CA TRP A 123 -6.11 -7.85 -4.03
C TRP A 123 -7.04 -7.91 -2.82
N SER A 124 -7.74 -6.81 -2.54
CA SER A 124 -8.60 -6.71 -1.37
C SER A 124 -9.81 -7.60 -1.29
N GLY A 125 -10.45 -7.85 -2.43
CA GLY A 125 -11.64 -8.68 -2.43
C GLY A 125 -12.92 -7.85 -2.56
N VAL A 126 -12.82 -6.53 -2.58
CA VAL A 126 -14.03 -5.72 -2.73
C VAL A 126 -14.58 -6.02 -4.13
N ARG A 127 -15.88 -5.88 -4.29
CA ARG A 127 -16.52 -6.15 -5.58
C ARG A 127 -16.92 -4.89 -6.34
N SER A 128 -16.71 -3.73 -5.73
CA SER A 128 -17.05 -2.48 -6.40
C SER A 128 -16.21 -1.32 -5.86
N LEU A 129 -15.95 -0.38 -6.76
CA LEU A 129 -15.16 0.80 -6.45
C LEU A 129 -15.99 2.01 -6.89
N VAL A 130 -16.17 2.97 -5.99
CA VAL A 130 -16.94 4.17 -6.28
C VAL A 130 -16.06 5.37 -5.97
N CYS A 131 -15.80 6.19 -6.98
CA CYS A 131 -14.92 7.35 -6.83
C CYS A 131 -15.61 8.69 -7.05
N ALA A 132 -15.06 9.73 -6.45
CA ALA A 132 -15.59 11.08 -6.60
C ALA A 132 -14.74 11.85 -7.62
N ALA A 133 -13.63 12.43 -7.18
CA ALA A 133 -12.77 13.18 -8.07
C ALA A 133 -12.09 12.29 -9.11
N ARG A 134 -11.99 12.79 -10.34
CA ARG A 134 -11.36 12.05 -11.43
C ARG A 134 -9.85 12.23 -11.40
N SER A 135 -9.14 11.33 -12.07
CA SER A 135 -7.68 11.40 -12.12
C SER A 135 -7.21 12.75 -12.64
N ASP A 136 -7.87 13.26 -13.69
CA ASP A 136 -7.50 14.55 -14.25
C ASP A 136 -7.66 15.65 -13.23
N ASP A 137 -8.70 15.55 -12.41
CA ASP A 137 -8.94 16.55 -11.38
C ASP A 137 -7.76 16.62 -10.43
N VAL A 138 -7.38 15.49 -9.86
CA VAL A 138 -6.27 15.45 -8.91
C VAL A 138 -4.92 15.79 -9.52
N GLU A 139 -4.65 15.31 -10.73
CA GLU A 139 -3.36 15.59 -11.37
C GLU A 139 -3.25 17.04 -11.84
N ALA A 140 -4.36 17.60 -12.30
CA ALA A 140 -4.37 18.98 -12.75
C ALA A 140 -4.25 19.91 -11.54
N ILE A 141 -4.26 19.32 -10.34
CA ILE A 141 -4.17 20.08 -9.10
C ILE A 141 -2.85 19.78 -8.37
N GLY A 142 -1.96 19.04 -9.03
CA GLY A 142 -0.67 18.73 -8.42
C GLY A 142 -0.54 17.35 -7.78
N PHE A 143 -1.59 16.53 -7.88
CA PHE A 143 -1.54 15.20 -7.30
C PHE A 143 -1.22 14.17 -8.39
N ASP A 144 -0.22 13.33 -8.13
CA ASP A 144 0.20 12.33 -9.10
C ASP A 144 -0.42 10.96 -8.83
N GLU A 145 -1.07 10.40 -9.84
CA GLU A 145 -1.72 9.10 -9.73
C GLU A 145 -0.73 7.98 -10.02
N GLY A 146 0.41 8.33 -10.60
CA GLY A 146 1.41 7.32 -10.92
C GLY A 146 1.07 6.61 -12.22
N PRO A 147 1.97 5.73 -12.69
CA PRO A 147 1.78 4.98 -13.93
C PRO A 147 0.86 3.77 -13.83
N ARG A 148 -0.44 4.00 -14.00
CA ARG A 148 -1.40 2.91 -13.95
C ARG A 148 -1.44 2.26 -15.33
N PRO A 149 -1.89 0.99 -15.41
CA PRO A 149 -1.95 0.33 -16.71
C PRO A 149 -2.97 0.99 -17.62
N GLU A 150 -2.85 0.74 -18.92
CA GLU A 150 -3.78 1.30 -19.88
C GLU A 150 -5.18 0.77 -19.59
N ASN A 151 -6.17 1.66 -19.64
CA ASN A 151 -7.55 1.29 -19.36
C ASN A 151 -7.65 0.53 -18.04
N TRP A 152 -7.15 1.16 -16.98
CA TRP A 152 -7.18 0.54 -15.66
C TRP A 152 -8.59 0.22 -15.21
N MET A 153 -9.56 1.05 -15.59
CA MET A 153 -10.94 0.80 -15.21
C MET A 153 -11.43 -0.49 -15.86
N GLY A 154 -11.03 -0.69 -17.11
CA GLY A 154 -11.42 -1.91 -17.81
C GLY A 154 -10.79 -3.11 -17.13
N GLY A 155 -9.58 -2.91 -16.61
CA GLY A 155 -8.88 -3.98 -15.93
C GLY A 155 -9.60 -4.40 -14.67
N LEU A 156 -10.19 -3.43 -13.97
CA LEU A 156 -10.93 -3.72 -12.77
C LEU A 156 -12.20 -4.47 -13.14
N GLU A 157 -12.84 -4.03 -14.21
CA GLU A 157 -14.07 -4.66 -14.67
C GLU A 157 -13.81 -6.12 -15.03
N ALA A 158 -12.65 -6.38 -15.62
CA ALA A 158 -12.28 -7.74 -16.01
C ALA A 158 -11.96 -8.60 -14.79
N ARG A 159 -11.78 -7.95 -13.65
CA ARG A 159 -11.48 -8.64 -12.40
C ARG A 159 -12.78 -8.82 -11.62
N GLY A 160 -13.89 -8.43 -12.24
CA GLY A 160 -15.19 -8.54 -11.60
C GLY A 160 -15.47 -7.43 -10.60
N ILE A 161 -14.70 -6.35 -10.69
CA ILE A 161 -14.86 -5.21 -9.80
C ILE A 161 -15.55 -4.09 -10.56
N THR A 162 -16.77 -3.77 -10.16
CA THR A 162 -17.53 -2.71 -10.82
C THR A 162 -16.96 -1.34 -10.46
N VAL A 163 -16.90 -0.45 -11.45
CA VAL A 163 -16.36 0.87 -11.24
C VAL A 163 -17.34 1.99 -11.58
N THR A 164 -17.42 2.96 -10.68
CA THR A 164 -18.28 4.12 -10.84
C THR A 164 -17.41 5.30 -10.43
N THR A 165 -17.43 6.38 -11.22
CA THR A 165 -16.61 7.54 -10.88
C THR A 165 -17.36 8.84 -11.17
N GLY A 166 -16.93 9.91 -10.51
CA GLY A 166 -17.57 11.20 -10.70
C GLY A 166 -18.69 11.50 -9.72
N LEU A 167 -18.88 10.61 -8.74
CA LEU A 167 -19.94 10.78 -7.75
C LEU A 167 -19.57 11.91 -6.79
N LEU A 168 -20.38 12.97 -6.79
CA LEU A 168 -20.15 14.15 -5.96
C LEU A 168 -18.79 14.76 -6.32
N ARG A 169 -18.47 14.69 -7.61
CA ARG A 169 -17.22 15.20 -8.13
C ARG A 169 -16.97 16.67 -7.79
N ASP A 170 -18.00 17.51 -7.95
CA ASP A 170 -17.86 18.93 -7.66
C ASP A 170 -17.41 19.23 -6.23
N ALA A 171 -18.06 18.60 -5.26
CA ALA A 171 -17.70 18.82 -3.86
C ALA A 171 -16.30 18.28 -3.58
N ALA A 172 -15.97 17.13 -4.17
CA ALA A 172 -14.67 16.52 -3.96
C ALA A 172 -13.56 17.42 -4.49
N CYS A 173 -13.77 18.00 -5.66
CA CYS A 173 -12.79 18.90 -6.26
C CYS A 173 -12.66 20.18 -5.47
N ALA A 174 -13.78 20.65 -4.94
CA ALA A 174 -13.77 21.87 -4.14
C ALA A 174 -12.87 21.66 -2.92
N LEU A 175 -12.96 20.47 -2.31
CA LEU A 175 -12.14 20.18 -1.15
C LEU A 175 -10.66 20.07 -1.50
N LEU A 176 -10.37 19.55 -2.70
CA LEU A 176 -8.98 19.43 -3.13
C LEU A 176 -8.37 20.80 -3.36
N ARG A 177 -9.11 21.68 -4.03
CA ARG A 177 -8.61 23.02 -4.28
C ARG A 177 -8.49 23.80 -2.98
N GLU A 178 -9.41 23.53 -2.04
CA GLU A 178 -9.38 24.20 -0.75
C GLU A 178 -8.11 23.80 0.00
N TYR A 179 -7.72 22.54 -0.15
CA TYR A 179 -6.51 22.02 0.49
C TYR A 179 -5.28 22.70 -0.10
N ASN A 180 -5.23 22.76 -1.43
CA ASN A 180 -4.10 23.36 -2.13
C ASN A 180 -3.99 24.85 -1.84
N ALA A 181 -5.13 25.49 -1.61
CA ALA A 181 -5.16 26.92 -1.32
C ALA A 181 -4.46 27.20 0.02
N CYS A 182 -4.36 26.16 0.84
CA CYS A 182 -3.72 26.28 2.14
C CYS A 182 -2.43 25.47 2.20
N ASN A 183 -2.04 24.88 1.08
CA ASN A 183 -0.83 24.08 1.00
C ASN A 183 0.37 24.96 0.69
N GLY A 184 0.79 25.74 1.68
CA GLY A 184 1.92 26.63 1.51
C GLY A 184 2.57 26.96 2.84
N VAL A 185 3.84 27.36 2.83
CA VAL A 185 4.55 27.68 4.06
C VAL A 185 4.22 29.04 4.65
N ILE A 186 3.77 29.98 3.83
CA ILE A 186 3.44 31.32 4.31
C ILE A 186 2.11 31.31 5.07
N TYR A 187 2.16 31.70 6.34
CA TYR A 187 0.97 31.71 7.17
C TYR A 187 -0.18 32.52 6.60
N ASN A 188 -1.39 31.97 6.76
CA ASN A 188 -2.61 32.61 6.31
C ASN A 188 -3.70 32.30 7.32
N ALA A 189 -4.15 33.34 8.02
CA ALA A 189 -5.18 33.22 9.05
C ALA A 189 -6.43 32.49 8.57
N ARG A 190 -6.74 32.61 7.29
CA ARG A 190 -7.91 31.95 6.71
C ARG A 190 -7.74 30.43 6.69
N CYS A 191 -6.51 29.97 6.86
CA CYS A 191 -6.22 28.55 6.86
C CYS A 191 -6.04 28.03 8.29
N MET B 3 -5.96 -5.86 18.06
CA MET B 3 -6.09 -4.38 18.25
C MET B 3 -7.28 -3.86 17.47
N ASN B 4 -7.82 -2.72 17.90
CA ASN B 4 -8.98 -2.13 17.25
C ASN B 4 -8.67 -0.87 16.46
N ASP B 5 -8.40 0.23 17.17
CA ASP B 5 -8.10 1.52 16.55
C ASP B 5 -7.12 1.47 15.38
N ALA B 6 -5.90 1.96 15.62
CA ALA B 6 -4.86 2.01 14.60
C ALA B 6 -4.72 0.74 13.78
N LEU B 7 -3.97 0.83 12.68
CA LEU B 7 -3.70 -0.30 11.82
C LEU B 7 -2.40 -0.88 12.38
N HIS B 8 -2.45 -2.13 12.81
CA HIS B 8 -1.28 -2.75 13.41
C HIS B 8 -0.99 -4.11 12.81
N ILE B 9 0.11 -4.20 12.07
CA ILE B 9 0.52 -5.46 11.44
C ILE B 9 1.68 -6.02 12.24
N GLY B 10 1.40 -7.04 13.05
CA GLY B 10 2.44 -7.66 13.87
C GLY B 10 3.44 -8.41 13.02
N LEU B 11 4.64 -8.61 13.56
CA LEU B 11 5.69 -9.31 12.84
C LEU B 11 6.11 -10.58 13.59
N PRO B 12 6.42 -11.66 12.85
CA PRO B 12 6.83 -12.90 13.50
C PRO B 12 8.21 -12.72 14.15
N PRO B 13 8.55 -13.55 15.13
CA PRO B 13 9.84 -13.46 15.82
C PRO B 13 11.07 -13.23 14.96
N PHE B 14 11.24 -14.05 13.93
CA PHE B 14 12.42 -13.92 13.07
C PHE B 14 12.50 -12.56 12.39
N LEU B 15 11.35 -11.96 12.10
CA LEU B 15 11.32 -10.67 11.42
C LEU B 15 11.56 -9.52 12.39
N VAL B 16 11.09 -9.67 13.63
CA VAL B 16 11.32 -8.64 14.64
C VAL B 16 12.83 -8.61 14.85
N GLN B 17 13.43 -9.79 14.91
CA GLN B 17 14.87 -9.91 15.11
C GLN B 17 15.62 -9.29 13.94
N ALA B 18 15.16 -9.59 12.71
CA ALA B 18 15.80 -9.05 11.52
C ALA B 18 15.80 -7.53 11.49
N ASN B 19 14.77 -6.92 12.07
CA ASN B 19 14.66 -5.47 12.09
C ASN B 19 15.36 -4.80 13.27
N ASN B 20 16.05 -5.58 14.10
CA ASN B 20 16.74 -5.01 15.25
C ASN B 20 18.22 -5.35 15.34
N GLU B 21 18.64 -6.42 14.66
CA GLU B 21 20.05 -6.81 14.70
C GLU B 21 20.85 -6.12 13.60
N PRO B 22 22.05 -5.62 13.96
CA PRO B 22 22.95 -4.93 13.03
C PRO B 22 23.40 -5.80 11.85
N ARG B 23 23.34 -5.26 10.65
CA ARG B 23 23.73 -5.99 9.46
C ARG B 23 24.23 -5.09 8.35
N VAL B 24 25.48 -5.28 7.95
CA VAL B 24 26.06 -4.51 6.86
C VAL B 24 26.50 -5.51 5.79
N LEU B 25 25.80 -5.51 4.66
CA LEU B 25 26.09 -6.43 3.57
C LEU B 25 26.47 -5.61 2.33
N ALA B 26 27.78 -5.46 2.13
CA ALA B 26 28.30 -4.66 1.01
C ALA B 26 27.89 -5.13 -0.38
N ALA B 27 28.14 -6.40 -0.69
CA ALA B 27 27.84 -6.94 -2.00
C ALA B 27 26.35 -7.18 -2.27
N PRO B 28 25.88 -6.87 -3.49
CA PRO B 28 24.47 -7.05 -3.85
C PRO B 28 24.03 -8.49 -3.62
N GLU B 29 24.89 -9.44 -3.96
CA GLU B 29 24.57 -10.85 -3.79
C GLU B 29 24.44 -11.22 -2.31
N ALA B 30 25.18 -10.53 -1.45
CA ALA B 30 25.11 -10.78 -0.02
C ALA B 30 23.75 -10.30 0.49
N ARG B 31 23.33 -9.14 -0.03
CA ARG B 31 22.05 -8.56 0.36
C ARG B 31 20.91 -9.48 -0.07
N MET B 32 20.97 -9.94 -1.32
CA MET B 32 19.92 -10.82 -1.81
C MET B 32 19.94 -12.17 -1.09
N GLY B 33 21.13 -12.66 -0.79
CA GLY B 33 21.24 -13.93 -0.10
C GLY B 33 20.49 -13.86 1.22
N TYR B 34 20.65 -12.76 1.93
CA TYR B 34 19.99 -12.58 3.21
C TYR B 34 18.48 -12.50 3.04
N VAL B 35 18.04 -11.76 2.03
CA VAL B 35 16.62 -11.64 1.77
C VAL B 35 16.03 -13.03 1.49
N LEU B 36 16.79 -13.88 0.80
CA LEU B 36 16.27 -15.21 0.51
C LEU B 36 16.19 -16.06 1.78
N GLU B 37 17.05 -15.77 2.75
CA GLU B 37 17.00 -16.49 4.01
C GLU B 37 15.71 -16.11 4.72
N LEU B 38 15.29 -14.86 4.56
CA LEU B 38 14.04 -14.40 5.18
C LEU B 38 12.84 -15.06 4.53
N VAL B 39 12.96 -15.42 3.25
CA VAL B 39 11.88 -16.09 2.55
C VAL B 39 11.61 -17.42 3.22
N ARG B 40 12.65 -18.23 3.40
CA ARG B 40 12.48 -19.54 4.03
C ARG B 40 11.93 -19.40 5.44
N ALA B 41 12.45 -18.45 6.21
CA ALA B 41 11.99 -18.25 7.57
C ALA B 41 10.51 -17.86 7.58
N ASN B 42 10.11 -17.07 6.60
CA ASN B 42 8.73 -16.63 6.53
C ASN B 42 7.77 -17.77 6.23
N ILE B 43 8.18 -18.67 5.34
CA ILE B 43 7.35 -19.81 5.00
C ILE B 43 7.12 -20.67 6.24
N ALA B 44 8.17 -20.84 7.04
CA ALA B 44 8.07 -21.62 8.26
C ALA B 44 7.15 -20.91 9.25
N ALA B 45 7.01 -19.60 9.07
CA ALA B 45 6.17 -18.78 9.94
C ALA B 45 4.78 -18.52 9.34
N ASP B 46 4.30 -19.48 8.55
CA ASP B 46 2.98 -19.40 7.92
C ASP B 46 2.74 -18.24 6.95
N GLY B 47 3.80 -17.69 6.39
CA GLY B 47 3.65 -16.59 5.46
C GLY B 47 3.93 -16.97 4.02
N GLY B 48 3.74 -16.03 3.11
CA GLY B 48 3.98 -16.27 1.69
C GLY B 48 5.46 -16.38 1.39
N PRO B 49 5.84 -16.95 0.24
CA PRO B 49 7.25 -17.11 -0.13
C PRO B 49 7.89 -15.85 -0.70
N PHE B 50 7.80 -14.74 0.03
CA PHE B 50 8.35 -13.48 -0.40
C PHE B 50 8.94 -12.68 0.74
N ALA B 51 10.07 -12.04 0.48
CA ALA B 51 10.73 -11.20 1.48
C ALA B 51 11.42 -10.07 0.75
N ALA B 52 11.71 -9.00 1.48
CA ALA B 52 12.38 -7.85 0.90
C ALA B 52 13.03 -7.08 2.03
N ALA B 53 13.99 -6.25 1.70
CA ALA B 53 14.66 -5.46 2.72
C ALA B 53 15.17 -4.17 2.13
N VAL B 54 15.18 -3.12 2.94
CA VAL B 54 15.69 -1.83 2.49
C VAL B 54 17.10 -1.70 3.05
N PHE B 55 18.05 -1.41 2.17
CA PHE B 55 19.45 -1.26 2.53
C PHE B 55 19.91 0.13 2.10
N GLU B 56 20.97 0.63 2.72
CA GLU B 56 21.54 1.90 2.27
C GLU B 56 22.22 1.40 1.00
N ARG B 57 21.94 2.03 -0.13
CA ARG B 57 22.49 1.62 -1.41
C ARG B 57 24.00 1.40 -1.47
N ASP B 58 24.77 2.35 -0.93
CA ASP B 58 26.22 2.23 -1.00
C ASP B 58 26.89 1.34 0.05
N SER B 59 26.62 1.59 1.33
CA SER B 59 27.23 0.81 2.39
C SER B 59 26.68 -0.60 2.57
N GLY B 60 25.39 -0.77 2.31
CA GLY B 60 24.79 -2.07 2.46
C GLY B 60 24.26 -2.25 3.88
N LEU B 61 24.13 -1.16 4.60
CA LEU B 61 23.60 -1.22 5.96
C LEU B 61 22.12 -1.56 5.84
N LEU B 62 21.68 -2.59 6.56
CA LEU B 62 20.28 -2.98 6.52
C LEU B 62 19.49 -2.00 7.36
N ILE B 63 18.41 -1.48 6.79
CA ILE B 63 17.55 -0.54 7.51
C ILE B 63 16.32 -1.25 8.05
N ALA B 64 15.64 -2.01 7.19
CA ALA B 64 14.45 -2.73 7.62
C ALA B 64 14.17 -3.88 6.68
N ALA B 65 13.43 -4.87 7.17
CA ALA B 65 13.07 -6.03 6.38
C ALA B 65 11.59 -6.30 6.52
N GLY B 66 11.01 -6.88 5.47
CA GLY B 66 9.59 -7.20 5.50
C GLY B 66 9.38 -8.50 4.75
N THR B 67 8.25 -9.15 5.02
CA THR B 67 7.92 -10.40 4.34
C THR B 67 6.42 -10.43 4.10
N ASN B 68 5.97 -11.38 3.30
CA ASN B 68 4.55 -11.50 3.01
C ASN B 68 3.84 -12.05 4.26
N ARG B 69 2.96 -11.23 4.84
CA ARG B 69 2.21 -11.63 6.04
C ARG B 69 0.72 -11.49 5.76
N VAL B 70 0.34 -11.58 4.49
CA VAL B 70 -1.05 -11.44 4.08
C VAL B 70 -2.08 -12.30 4.82
N VAL B 71 -1.88 -13.61 4.81
CA VAL B 71 -2.83 -14.50 5.47
C VAL B 71 -2.79 -14.44 7.01
N PRO B 72 -1.61 -14.68 7.62
CA PRO B 72 -1.57 -14.63 9.07
C PRO B 72 -1.89 -13.23 9.63
N GLY B 73 -1.64 -12.20 8.84
CA GLY B 73 -1.92 -10.85 9.28
C GLY B 73 -3.29 -10.33 8.87
N ARG B 74 -4.04 -11.14 8.13
CA ARG B 74 -5.38 -10.75 7.68
C ARG B 74 -5.31 -9.37 7.04
N CYS B 75 -4.38 -9.22 6.10
CA CYS B 75 -4.18 -7.94 5.44
C CYS B 75 -3.64 -8.17 4.04
N SER B 76 -4.44 -7.91 3.01
CA SER B 76 -3.98 -8.13 1.65
C SER B 76 -2.88 -7.18 1.20
N ALA B 77 -2.71 -6.07 1.91
CA ALA B 77 -1.66 -5.12 1.55
C ALA B 77 -0.33 -5.46 2.20
N ALA B 78 -0.32 -6.47 3.06
CA ALA B 78 0.90 -6.85 3.77
C ALA B 78 1.91 -7.64 2.94
N HIS B 79 2.25 -7.10 1.76
CA HIS B 79 3.25 -7.75 0.92
C HIS B 79 4.62 -7.40 1.50
N ALA B 80 5.61 -8.22 1.17
CA ALA B 80 6.97 -8.00 1.66
C ALA B 80 7.48 -6.58 1.42
N GLU B 81 7.27 -6.08 0.20
CA GLU B 81 7.74 -4.74 -0.16
C GLU B 81 7.10 -3.64 0.69
N ILE B 82 5.80 -3.74 0.91
CA ILE B 82 5.07 -2.76 1.70
C ILE B 82 5.62 -2.71 3.12
N LEU B 83 5.81 -3.88 3.72
CA LEU B 83 6.33 -3.94 5.08
C LEU B 83 7.76 -3.40 5.16
N ALA B 84 8.62 -3.82 4.23
CA ALA B 84 10.01 -3.36 4.26
C ALA B 84 10.12 -1.85 4.11
N LEU B 85 9.43 -1.30 3.11
CA LEU B 85 9.46 0.14 2.89
C LEU B 85 8.87 0.91 4.06
N SER B 86 7.74 0.42 4.58
CA SER B 86 7.08 1.08 5.70
C SER B 86 7.90 1.05 6.98
N LEU B 87 8.51 -0.09 7.29
CA LEU B 87 9.32 -0.21 8.49
C LEU B 87 10.58 0.64 8.38
N ALA B 88 11.11 0.77 7.17
CA ALA B 88 12.31 1.59 6.96
C ALA B 88 11.97 3.05 7.20
N GLN B 89 10.79 3.45 6.72
CA GLN B 89 10.35 4.82 6.88
C GLN B 89 10.13 5.13 8.36
N ALA B 90 9.56 4.19 9.09
CA ALA B 90 9.31 4.38 10.52
C ALA B 90 10.64 4.53 11.25
N LYS B 91 11.62 3.70 10.90
CA LYS B 91 12.92 3.76 11.55
C LYS B 91 13.67 5.06 11.27
N LEU B 92 13.59 5.56 10.04
CA LEU B 92 14.28 6.78 9.68
C LEU B 92 13.46 8.04 9.97
N ASP B 93 12.31 7.85 10.61
CA ASP B 93 11.43 8.95 10.97
C ASP B 93 10.98 9.85 9.82
N THR B 94 10.56 9.24 8.72
CA THR B 94 10.09 10.01 7.58
C THR B 94 9.37 9.14 6.57
N HIS B 95 8.40 9.74 5.89
CA HIS B 95 7.61 9.05 4.88
C HIS B 95 8.35 9.05 3.55
N ASP B 96 9.43 9.83 3.45
CA ASP B 96 10.19 9.95 2.21
C ASP B 96 11.64 9.52 2.39
N LEU B 97 11.98 8.37 1.83
CA LEU B 97 13.34 7.85 1.96
C LEU B 97 14.36 8.63 1.13
N SER B 98 13.89 9.62 0.39
CA SER B 98 14.80 10.44 -0.42
C SER B 98 14.98 11.83 0.19
N ALA B 99 14.50 11.99 1.42
CA ALA B 99 14.61 13.27 2.12
C ALA B 99 16.07 13.72 2.14
N ASP B 100 16.28 14.99 1.85
CA ASP B 100 17.63 15.55 1.81
C ASP B 100 18.42 15.17 3.07
N GLY B 101 19.63 14.68 2.87
CA GLY B 101 20.47 14.29 4.00
C GLY B 101 20.50 12.80 4.24
N LEU B 102 19.45 12.11 3.82
CA LEU B 102 19.38 10.67 4.02
C LEU B 102 20.21 9.94 2.96
N PRO B 103 20.87 8.84 3.33
CA PRO B 103 21.66 8.12 2.33
C PRO B 103 20.70 7.46 1.35
N ALA B 104 21.12 7.34 0.09
CA ALA B 104 20.28 6.71 -0.92
C ALA B 104 19.87 5.32 -0.43
N CYS B 105 18.60 4.98 -0.60
CA CYS B 105 18.08 3.69 -0.18
C CYS B 105 17.77 2.78 -1.36
N GLU B 106 17.85 1.48 -1.10
CA GLU B 106 17.62 0.46 -2.12
C GLU B 106 16.71 -0.63 -1.57
N LEU B 107 15.75 -1.06 -2.38
CA LEU B 107 14.86 -2.15 -1.98
C LEU B 107 15.33 -3.41 -2.67
N VAL B 108 15.75 -4.38 -1.87
CA VAL B 108 16.22 -5.67 -2.39
C VAL B 108 15.05 -6.61 -2.13
N THR B 109 14.51 -7.18 -3.20
CA THR B 109 13.32 -8.03 -3.08
C THR B 109 13.46 -9.40 -3.72
N SER B 110 12.84 -10.40 -3.11
CA SER B 110 12.94 -11.78 -3.59
C SER B 110 12.29 -12.04 -4.95
N ALA B 111 11.39 -11.16 -5.37
CA ALA B 111 10.72 -11.33 -6.66
C ALA B 111 10.26 -9.98 -7.19
N GLU B 112 10.06 -9.89 -8.49
CA GLU B 112 9.60 -8.64 -9.09
C GLU B 112 8.27 -8.28 -8.46
N PRO B 113 8.05 -6.98 -8.21
CA PRO B 113 6.83 -6.46 -7.59
C PRO B 113 5.51 -6.56 -8.35
N CYS B 114 4.43 -6.71 -7.60
CA CYS B 114 3.09 -6.76 -8.19
C CYS B 114 2.75 -5.29 -8.44
N VAL B 115 1.63 -5.02 -9.09
CA VAL B 115 1.26 -3.64 -9.39
C VAL B 115 1.13 -2.75 -8.14
N MET B 116 0.62 -3.29 -7.05
CA MET B 116 0.48 -2.51 -5.83
C MET B 116 1.85 -2.09 -5.29
N CYS B 117 2.77 -3.04 -5.20
CA CYS B 117 4.10 -2.75 -4.69
C CYS B 117 4.94 -1.93 -5.66
N PHE B 118 4.61 -2.03 -6.94
CA PHE B 118 5.27 -1.26 -7.98
C PHE B 118 4.99 0.21 -7.62
N GLY B 119 3.72 0.50 -7.31
CA GLY B 119 3.35 1.85 -6.94
C GLY B 119 4.00 2.26 -5.62
N ALA B 120 4.00 1.36 -4.65
CA ALA B 120 4.60 1.65 -3.35
C ALA B 120 6.07 2.01 -3.49
N VAL B 121 6.78 1.32 -4.38
CA VAL B 121 8.19 1.61 -4.60
C VAL B 121 8.33 3.04 -5.11
N ILE B 122 7.48 3.43 -6.06
CA ILE B 122 7.52 4.78 -6.62
C ILE B 122 7.34 5.88 -5.57
N TRP B 123 6.37 5.70 -4.67
CA TRP B 123 6.08 6.70 -3.64
C TRP B 123 7.04 6.66 -2.45
N SER B 124 7.77 5.57 -2.29
CA SER B 124 8.65 5.40 -1.13
C SER B 124 9.87 6.29 -0.99
N GLY B 125 10.50 6.64 -2.11
CA GLY B 125 11.70 7.45 -2.05
C GLY B 125 12.95 6.63 -2.28
N VAL B 126 12.81 5.32 -2.43
CA VAL B 126 13.99 4.49 -2.69
C VAL B 126 14.48 4.87 -4.09
N ARG B 127 15.79 4.76 -4.30
CA ARG B 127 16.39 5.12 -5.58
C ARG B 127 16.80 3.90 -6.39
N SER B 128 16.67 2.72 -5.79
CA SER B 128 17.05 1.49 -6.47
C SER B 128 16.17 0.31 -6.08
N LEU B 129 15.96 -0.59 -7.04
CA LEU B 129 15.18 -1.80 -6.82
C LEU B 129 15.97 -2.96 -7.40
N VAL B 130 16.20 -4.00 -6.59
CA VAL B 130 16.94 -5.17 -7.04
C VAL B 130 16.07 -6.40 -6.80
N CYS B 131 15.73 -7.11 -7.86
CA CYS B 131 14.87 -8.30 -7.76
C CYS B 131 15.57 -9.61 -8.11
N ALA B 132 15.07 -10.69 -7.52
CA ALA B 132 15.61 -12.01 -7.79
C ALA B 132 14.72 -12.75 -8.79
N ALA B 133 13.66 -13.40 -8.29
CA ALA B 133 12.75 -14.13 -9.16
C ALA B 133 12.03 -13.21 -10.13
N ARG B 134 11.75 -13.72 -11.33
CA ARG B 134 11.06 -12.92 -12.34
C ARG B 134 9.55 -13.08 -12.20
N SER B 135 8.82 -12.20 -12.86
CA SER B 135 7.36 -12.24 -12.81
C SER B 135 6.84 -13.60 -13.25
N ASP B 136 7.44 -14.17 -14.29
CA ASP B 136 7.02 -15.48 -14.77
C ASP B 136 7.19 -16.58 -13.73
N ASP B 137 8.25 -16.48 -12.92
CA ASP B 137 8.52 -17.47 -11.88
C ASP B 137 7.44 -17.39 -10.81
N VAL B 138 7.00 -16.17 -10.50
CA VAL B 138 5.98 -15.94 -9.51
C VAL B 138 4.64 -16.48 -10.00
N GLU B 139 4.32 -16.23 -11.26
CA GLU B 139 3.07 -16.71 -11.82
C GLU B 139 3.05 -18.23 -11.84
N ALA B 140 4.24 -18.82 -12.03
CA ALA B 140 4.39 -20.27 -12.09
C ALA B 140 4.03 -21.01 -10.80
N ILE B 141 3.81 -20.27 -9.72
CA ILE B 141 3.41 -20.92 -8.47
C ILE B 141 2.07 -20.37 -7.99
N GLY B 142 1.33 -19.76 -8.91
CA GLY B 142 0.00 -19.26 -8.59
C GLY B 142 -0.18 -17.85 -8.07
N PHE B 143 0.90 -17.08 -8.00
CA PHE B 143 0.78 -15.71 -7.52
C PHE B 143 0.61 -14.77 -8.71
N ASP B 144 -0.29 -13.81 -8.56
CA ASP B 144 -0.59 -12.84 -9.61
C ASP B 144 0.17 -11.53 -9.41
N GLU B 145 0.76 -11.02 -10.48
CA GLU B 145 1.50 -9.76 -10.42
C GLU B 145 0.53 -8.61 -10.65
N GLY B 146 -0.66 -8.95 -11.13
CA GLY B 146 -1.67 -7.94 -11.39
C GLY B 146 -1.43 -7.16 -12.67
N PRO B 147 -2.36 -6.28 -13.03
CA PRO B 147 -2.25 -5.47 -14.25
C PRO B 147 -1.26 -4.31 -14.10
N ARG B 148 0.02 -4.60 -14.31
CA ARG B 148 1.03 -3.55 -14.23
C ARG B 148 1.09 -2.86 -15.58
N PRO B 149 1.49 -1.59 -15.60
CA PRO B 149 1.55 -0.88 -16.89
C PRO B 149 2.61 -1.50 -17.78
N GLU B 150 2.55 -1.19 -19.07
CA GLU B 150 3.51 -1.72 -20.03
C GLU B 150 4.90 -1.18 -19.68
N ASN B 151 5.89 -2.05 -19.74
CA ASN B 151 7.27 -1.68 -19.43
C ASN B 151 7.36 -1.00 -18.07
N TRP B 152 6.97 -1.73 -17.02
CA TRP B 152 7.01 -1.19 -15.67
C TRP B 152 8.43 -0.84 -15.25
N MET B 153 9.41 -1.59 -15.73
CA MET B 153 10.80 -1.31 -15.38
C MET B 153 11.18 0.06 -15.91
N GLY B 154 10.74 0.36 -17.14
CA GLY B 154 11.04 1.66 -17.72
C GLY B 154 10.33 2.74 -16.95
N GLY B 155 9.15 2.40 -16.41
CA GLY B 155 8.39 3.36 -15.64
C GLY B 155 9.14 3.76 -14.38
N LEU B 156 9.85 2.80 -13.79
CA LEU B 156 10.63 3.08 -12.60
C LEU B 156 11.87 3.89 -12.94
N GLU B 157 12.56 3.48 -14.00
CA GLU B 157 13.78 4.17 -14.42
C GLU B 157 13.47 5.63 -14.78
N ALA B 158 12.31 5.86 -15.40
CA ALA B 158 11.90 7.21 -15.79
C ALA B 158 11.64 8.10 -14.58
N ARG B 159 11.51 7.48 -13.41
CA ARG B 159 11.25 8.23 -12.19
C ARG B 159 12.47 8.26 -11.26
N GLY B 160 13.63 7.90 -11.82
CA GLY B 160 14.86 7.93 -11.04
C GLY B 160 15.15 6.71 -10.20
N ILE B 161 14.44 5.61 -10.46
CA ILE B 161 14.64 4.39 -9.70
C ILE B 161 15.28 3.35 -10.60
N THR B 162 16.55 3.04 -10.33
CA THR B 162 17.27 2.05 -11.12
C THR B 162 16.69 0.67 -10.82
N VAL B 163 16.67 -0.19 -11.82
CA VAL B 163 16.14 -1.53 -11.63
C VAL B 163 17.11 -2.62 -12.08
N THR B 164 17.26 -3.62 -11.23
CA THR B 164 18.13 -4.76 -11.50
C THR B 164 17.25 -5.97 -11.28
N THR B 165 17.32 -6.95 -12.17
CA THR B 165 16.50 -8.15 -12.04
C THR B 165 17.32 -9.40 -12.25
N GLY B 166 16.79 -10.53 -11.77
CA GLY B 166 17.45 -11.80 -11.94
C GLY B 166 18.60 -12.13 -10.99
N LEU B 167 18.86 -11.29 -10.00
CA LEU B 167 19.95 -11.55 -9.06
C LEU B 167 19.59 -12.73 -8.16
N LEU B 168 20.37 -13.81 -8.30
CA LEU B 168 20.14 -15.05 -7.55
C LEU B 168 18.76 -15.60 -7.87
N ARG B 169 18.33 -15.36 -9.10
CA ARG B 169 17.02 -15.81 -9.57
C ARG B 169 16.79 -17.30 -9.32
N ASP B 170 17.75 -18.15 -9.71
CA ASP B 170 17.58 -19.58 -9.52
C ASP B 170 17.43 -20.00 -8.08
N ALA B 171 18.19 -19.37 -7.18
CA ALA B 171 18.09 -19.70 -5.77
C ALA B 171 16.70 -19.33 -5.28
N ALA B 172 16.22 -18.17 -5.70
CA ALA B 172 14.89 -17.72 -5.30
C ALA B 172 13.82 -18.68 -5.83
N CYS B 173 13.97 -19.13 -7.07
CA CYS B 173 13.01 -20.04 -7.65
C CYS B 173 12.98 -21.39 -6.94
N ALA B 174 14.12 -21.84 -6.43
CA ALA B 174 14.16 -23.10 -5.72
C ALA B 174 13.22 -23.01 -4.52
N LEU B 175 13.21 -21.85 -3.87
CA LEU B 175 12.35 -21.64 -2.71
C LEU B 175 10.88 -21.49 -3.12
N LEU B 176 10.64 -20.89 -4.29
CA LEU B 176 9.28 -20.72 -4.77
C LEU B 176 8.68 -22.09 -5.10
N ARG B 177 9.44 -22.95 -5.76
CA ARG B 177 8.95 -24.26 -6.11
C ARG B 177 8.69 -25.12 -4.88
N GLU B 178 9.54 -24.96 -3.86
CA GLU B 178 9.37 -25.72 -2.63
C GLU B 178 8.07 -25.30 -1.95
N TYR B 179 7.82 -24.00 -1.94
CA TYR B 179 6.59 -23.49 -1.33
C TYR B 179 5.39 -24.11 -2.02
N ASN B 180 5.40 -24.09 -3.34
CA ASN B 180 4.30 -24.65 -4.12
C ASN B 180 4.09 -26.12 -3.84
N ALA B 181 5.18 -26.89 -3.76
CA ALA B 181 5.10 -28.31 -3.50
C ALA B 181 4.55 -28.62 -2.12
N CYS B 182 4.79 -27.73 -1.18
CA CYS B 182 4.33 -27.92 0.19
C CYS B 182 3.20 -26.95 0.51
ZN ZN C . -3.06 5.52 -3.34
O5' CTN D . 0.07 13.38 -5.27
C5' CTN D . 0.81 13.88 -4.25
C4' CTN D . 0.36 13.24 -2.84
O4' CTN D . -1.10 13.29 -2.52
C1' CTN D . -1.44 11.80 -2.20
N1 CTN D . -2.33 11.09 -3.10
C6 CTN D . -2.43 11.45 -4.46
C5 CTN D . -3.37 10.81 -5.30
C4 CTN D . -4.17 9.86 -4.76
N3 CTN D . -4.03 9.52 -3.38
C2 CTN D . -3.16 10.11 -2.59
O2 CTN D . -3.11 9.74 -1.35
N4 CTN D . -5.17 9.17 -5.60
C2' CTN D . -0.14 11.09 -1.76
O2' CTN D . 0.11 11.34 -0.40
C3' CTN D . 0.78 11.80 -2.71
O3' CTN D . 2.09 11.70 -2.23
ZN ZN E . 3.03 -6.71 -3.99
C1 EDO F . 1.27 -12.11 12.66
O1 EDO F . 1.51 -13.47 12.36
C2 EDO F . 1.09 -11.31 11.35
O2 EDO F . 2.36 -11.14 10.69
C1 EDO G . 5.31 -11.09 -6.47
O1 EDO G . 6.42 -10.50 -5.78
C2 EDO G . 4.25 -11.56 -5.45
O2 EDO G . 3.63 -10.43 -4.83
#